data_1V8J
#
_entry.id   1V8J
#
_cell.length_a   61.209
_cell.length_b   192.453
_cell.length_c   73.554
_cell.angle_alpha   90.00
_cell.angle_beta   90.00
_cell.angle_gamma   90.00
#
_symmetry.space_group_name_H-M   'C 2 2 2'
#
loop_
_entity.id
_entity.type
_entity.pdbx_description
1 polymer 'Kinesin-like protein KIF2C'
2 non-polymer 'MAGNESIUM ION'
3 non-polymer "ADENOSINE-5'-DIPHOSPHATE"
4 water water
#
_entity_poly.entity_id   1
_entity_poly.type   'polypeptide(L)'
_entity_poly.pdbx_seq_one_letter_code
;SVRRKSCIVKEMEKMKNKREEKRAQNSELRIKRAQEYDSSFPNWEFARMIKEFRVTMECSPLTVTDPIEEHRICVCVRKR
PLNKQELAKKEIDVISVPSKCLLLVHEPKLKVDLTKYLENQAFCFDFAFDETASNEVVYRFTARPLVQTIFEGGKATCFA
YGQTGSGKTHTMGGDLSGKSQNASKGIYAMASRDVFLLKNQPRYRNLNLEVYVTFFEIYNGKVFDLLNKKAKLRVLEDSR
QQVQVVGLQEYLVTCADDVIKMINMGSACRTSGQTFANSNSSRSHACFQILLRTKGRLHGKFSLVDLAGNERGADTSSAD
RQTRMEGAEINKSLLALKECIRALGQNKAHTPFRESKLTQVLRDSFIGENSRTCMIAMISPGISSCEYTLNTLRYADRVK
ELSHHHHHHH
;
_entity_poly.pdbx_strand_id   A
#
loop_
_chem_comp.id
_chem_comp.type
_chem_comp.name
_chem_comp.formula
ADP non-polymer ADENOSINE-5'-DIPHOSPHATE 'C10 H15 N5 O10 P2'
MG non-polymer 'MAGNESIUM ION' 'Mg 2'
#
# COMPACT_ATOMS: atom_id res chain seq x y z
N PRO A 42 -23.19 9.96 27.01
CA PRO A 42 -24.06 10.81 26.16
C PRO A 42 -23.75 10.63 24.67
N ASN A 43 -22.66 11.24 24.22
CA ASN A 43 -22.25 11.12 22.83
C ASN A 43 -20.80 10.66 22.75
N TRP A 44 -20.40 9.82 23.71
CA TRP A 44 -19.03 9.34 23.76
C TRP A 44 -18.53 8.89 22.38
N GLU A 45 -19.39 8.24 21.61
CA GLU A 45 -18.99 7.79 20.29
C GLU A 45 -18.48 8.94 19.42
N PHE A 46 -19.15 10.08 19.49
CA PHE A 46 -18.72 11.23 18.70
C PHE A 46 -17.48 11.82 19.36
N ALA A 47 -17.46 11.82 20.70
CA ALA A 47 -16.31 12.32 21.44
C ALA A 47 -15.04 11.57 21.03
N ARG A 48 -15.07 10.26 21.19
CA ARG A 48 -13.92 9.43 20.85
C ARG A 48 -13.39 9.76 19.45
N MET A 49 -14.27 9.71 18.44
CA MET A 49 -13.85 10.01 17.07
C MET A 49 -13.26 11.41 16.93
N ILE A 50 -13.71 12.34 17.77
CA ILE A 50 -13.16 13.68 17.67
C ILE A 50 -11.78 13.69 18.33
N LYS A 51 -11.70 13.18 19.56
CA LYS A 51 -10.44 13.11 20.27
C LYS A 51 -9.46 12.57 19.25
N GLU A 52 -9.81 11.40 18.72
CA GLU A 52 -9.04 10.71 17.72
C GLU A 52 -8.57 11.64 16.64
N PHE A 53 -9.46 12.52 16.23
CA PHE A 53 -9.14 13.42 15.15
C PHE A 53 -8.12 14.44 15.60
N ARG A 54 -8.21 14.83 16.87
CA ARG A 54 -7.26 15.79 17.39
C ARG A 54 -5.91 15.13 17.63
N VAL A 55 -5.92 14.02 18.37
CA VAL A 55 -4.71 13.29 18.63
C VAL A 55 -3.86 13.17 17.36
N THR A 56 -4.50 12.99 16.22
CA THR A 56 -3.80 12.84 14.97
C THR A 56 -3.53 14.16 14.27
N MET A 57 -4.24 15.19 14.65
CA MET A 57 -4.09 16.46 13.99
C MET A 57 -2.82 17.28 14.21
N GLU A 58 -2.16 17.10 15.35
CA GLU A 58 -0.93 17.87 15.62
C GLU A 58 0.18 17.05 15.01
N CYS A 59 0.11 15.77 15.30
CA CYS A 59 1.03 14.80 14.76
C CYS A 59 2.51 15.07 14.93
N SER A 60 3.09 14.22 15.75
CA SER A 60 4.49 14.26 15.94
C SER A 60 4.98 13.08 15.19
N PRO A 61 5.63 13.32 14.02
CA PRO A 61 6.15 12.28 13.13
C PRO A 61 6.82 11.10 13.84
N LEU A 62 7.28 11.32 15.08
CA LEU A 62 7.89 10.26 15.83
C LEU A 62 6.85 9.20 16.18
N THR A 63 5.59 9.49 15.87
CA THR A 63 4.51 8.53 16.10
C THR A 63 4.82 7.22 15.40
N PRO A 67 10.28 5.50 18.08
CA PRO A 67 9.10 5.94 18.80
C PRO A 67 8.71 4.95 19.91
N ILE A 68 8.81 3.65 19.56
CA ILE A 68 8.49 2.61 20.53
C ILE A 68 7.35 3.04 21.46
N GLU A 69 6.28 3.33 20.76
CA GLU A 69 4.98 2.85 21.13
C GLU A 69 4.75 1.57 20.39
N GLU A 70 3.52 1.11 20.19
CA GLU A 70 3.28 -0.09 19.36
C GLU A 70 2.32 0.28 18.19
N HIS A 71 2.90 0.59 17.04
CA HIS A 71 2.12 0.97 15.88
C HIS A 71 2.23 0.00 14.76
N ARG A 72 1.35 -0.99 14.88
CA ARG A 72 1.10 -2.07 13.96
C ARG A 72 0.48 -1.52 12.65
N ILE A 73 -0.22 -0.38 12.72
CA ILE A 73 -0.84 0.20 11.54
C ILE A 73 -0.49 1.67 11.29
N CYS A 74 -0.13 1.94 10.04
CA CYS A 74 0.26 3.26 9.56
C CYS A 74 -0.57 3.63 8.32
N VAL A 75 -1.25 4.77 8.38
CA VAL A 75 -2.07 5.21 7.27
C VAL A 75 -1.58 6.57 6.83
N CYS A 76 -1.26 6.68 5.53
CA CYS A 76 -0.79 7.94 4.94
C CYS A 76 -1.45 8.17 3.60
N VAL A 77 -1.82 9.42 3.36
CA VAL A 77 -2.47 9.82 2.14
C VAL A 77 -1.42 10.58 1.33
N ARG A 78 -1.50 10.54 0.00
CA ARG A 78 -0.52 11.26 -0.83
C ARG A 78 -1.13 11.85 -2.09
N LYS A 79 -1.20 13.18 -2.15
CA LYS A 79 -1.76 13.86 -3.31
C LYS A 79 -0.71 13.93 -4.38
N ARG A 80 -1.06 13.55 -5.60
CA ARG A 80 -0.09 13.68 -6.68
C ARG A 80 -0.39 15.04 -7.29
N PRO A 81 0.46 15.51 -8.21
CA PRO A 81 0.13 16.82 -8.77
C PRO A 81 -0.66 16.59 -10.06
N LEU A 82 -1.22 17.65 -10.64
CA LEU A 82 -1.96 17.47 -11.88
C LEU A 82 -0.96 17.22 -13.02
N ASN A 83 -1.27 16.29 -13.92
CA ASN A 83 -0.36 16.04 -15.04
C ASN A 83 -0.63 17.01 -16.20
N LYS A 84 -0.10 16.68 -17.36
CA LYS A 84 -0.27 17.51 -18.55
C LYS A 84 -1.72 17.56 -19.01
N GLN A 85 -2.26 16.40 -19.35
CA GLN A 85 -3.65 16.34 -19.79
C GLN A 85 -4.51 17.21 -18.90
N GLU A 86 -4.70 16.74 -17.67
CA GLU A 86 -5.53 17.45 -16.70
C GLU A 86 -5.26 18.95 -16.73
N LEU A 87 -4.01 19.36 -16.85
CA LEU A 87 -3.72 20.78 -16.92
C LEU A 87 -4.21 21.45 -18.20
N ALA A 88 -4.23 20.69 -19.29
CA ALA A 88 -4.67 21.21 -20.59
C ALA A 88 -6.18 21.44 -20.66
N LYS A 89 -6.97 20.53 -20.08
CA LYS A 89 -8.42 20.68 -20.05
C LYS A 89 -8.68 21.59 -18.87
N LYS A 90 -7.61 22.27 -18.46
CA LYS A 90 -7.59 23.18 -17.33
C LYS A 90 -8.45 22.70 -16.17
N GLU A 91 -8.08 21.50 -15.72
CA GLU A 91 -8.74 20.83 -14.61
C GLU A 91 -8.40 21.59 -13.35
N ILE A 92 -9.34 21.60 -12.41
CA ILE A 92 -9.14 22.29 -11.16
C ILE A 92 -8.55 21.40 -10.07
N ASP A 93 -7.55 21.94 -9.37
CA ASP A 93 -6.91 21.23 -8.28
C ASP A 93 -7.82 21.47 -7.09
N VAL A 94 -8.46 20.42 -6.60
CA VAL A 94 -9.36 20.58 -5.46
C VAL A 94 -8.87 20.00 -4.14
N ILE A 95 -7.57 19.76 -4.08
CA ILE A 95 -6.95 19.20 -2.86
C ILE A 95 -5.89 20.14 -2.26
N SER A 96 -5.87 20.26 -0.95
CA SER A 96 -4.89 21.10 -0.28
C SER A 96 -4.42 20.34 0.96
N VAL A 97 -3.13 20.42 1.29
CA VAL A 97 -2.70 19.77 2.49
C VAL A 97 -1.81 20.72 3.28
N PRO A 98 -2.52 21.65 3.94
CA PRO A 98 -1.97 22.73 4.76
C PRO A 98 -0.97 22.34 5.85
N SER A 99 -0.99 21.08 6.28
CA SER A 99 -0.07 20.65 7.31
C SER A 99 0.41 19.27 6.97
N LYS A 100 1.26 18.68 7.79
CA LYS A 100 1.78 17.36 7.47
C LYS A 100 0.79 16.22 7.67
N CYS A 101 -0.31 16.47 8.35
CA CYS A 101 -1.28 15.40 8.60
C CYS A 101 -2.72 15.78 8.41
N LEU A 102 -2.93 16.87 7.69
CA LEU A 102 -4.26 17.38 7.46
C LEU A 102 -4.51 17.63 5.99
N LEU A 103 -5.38 16.85 5.38
CA LEU A 103 -5.69 17.05 3.98
C LEU A 103 -7.07 17.66 3.89
N LEU A 104 -7.25 18.58 2.95
CA LEU A 104 -8.54 19.24 2.78
C LEU A 104 -9.01 18.96 1.36
N VAL A 105 -10.29 18.61 1.20
CA VAL A 105 -10.89 18.38 -0.15
C VAL A 105 -11.90 19.50 -0.42
N HIS A 106 -11.58 20.41 -1.34
CA HIS A 106 -12.49 21.50 -1.66
C HIS A 106 -13.57 21.01 -2.63
N GLU A 107 -14.43 20.11 -2.15
CA GLU A 107 -15.42 19.63 -3.09
C GLU A 107 -16.46 20.68 -3.46
N PRO A 108 -16.70 20.83 -4.77
CA PRO A 108 -17.62 21.74 -5.43
C PRO A 108 -19.06 21.27 -5.20
N LYS A 109 -19.97 22.22 -5.01
CA LYS A 109 -21.36 21.89 -4.74
C LYS A 109 -22.35 22.96 -5.16
N LEU A 110 -23.53 22.53 -5.62
CA LEU A 110 -24.58 23.46 -6.03
C LEU A 110 -25.76 23.47 -5.08
N LYS A 111 -26.22 24.66 -4.76
CA LYS A 111 -27.38 24.80 -3.89
C LYS A 111 -28.56 24.37 -4.74
N VAL A 112 -29.66 23.95 -4.12
CA VAL A 112 -30.78 23.51 -4.95
C VAL A 112 -31.05 24.56 -6.03
N ASP A 113 -30.89 25.83 -5.66
CA ASP A 113 -31.12 26.92 -6.60
C ASP A 113 -29.95 27.21 -7.55
N LEU A 114 -29.14 26.21 -7.83
CA LEU A 114 -28.00 26.36 -8.74
C LEU A 114 -26.80 27.17 -8.29
N THR A 115 -26.85 27.74 -7.08
CA THR A 115 -25.74 28.55 -6.58
C THR A 115 -24.49 27.72 -6.28
N LYS A 116 -23.32 28.28 -6.61
CA LYS A 116 -22.06 27.55 -6.36
C LYS A 116 -21.43 27.84 -4.98
N TYR A 117 -20.84 26.80 -4.39
CA TYR A 117 -20.18 26.93 -3.09
C TYR A 117 -19.20 25.78 -2.83
N LEU A 118 -18.53 25.77 -1.67
CA LEU A 118 -17.56 24.71 -1.38
C LEU A 118 -17.77 24.01 -0.06
N GLU A 119 -17.61 22.70 -0.06
CA GLU A 119 -17.73 21.96 1.19
C GLU A 119 -16.32 21.45 1.50
N ASN A 120 -15.56 22.33 2.15
CA ASN A 120 -14.18 22.04 2.51
C ASN A 120 -14.15 21.02 3.61
N GLN A 121 -13.96 19.77 3.19
CA GLN A 121 -13.91 18.61 4.06
C GLN A 121 -12.48 18.37 4.51
N ALA A 122 -12.26 18.22 5.82
CA ALA A 122 -10.90 18.00 6.30
C ALA A 122 -10.65 16.63 6.87
N PHE A 123 -9.59 15.99 6.40
CA PHE A 123 -9.21 14.66 6.88
C PHE A 123 -7.83 14.74 7.56
N CYS A 124 -7.48 13.71 8.34
CA CYS A 124 -6.18 13.69 9.01
C CYS A 124 -5.61 12.31 8.87
N PHE A 125 -4.29 12.23 8.86
CA PHE A 125 -3.61 10.94 8.74
C PHE A 125 -2.29 11.06 9.45
N ASP A 126 -1.66 9.93 9.73
CA ASP A 126 -0.37 9.93 10.38
C ASP A 126 0.51 10.91 9.60
N PHE A 127 0.55 10.76 8.27
CA PHE A 127 1.34 11.67 7.46
C PHE A 127 0.63 12.02 6.14
N ALA A 128 0.57 13.31 5.82
CA ALA A 128 -0.10 13.78 4.59
C ALA A 128 0.81 14.47 3.59
N PHE A 129 1.23 13.73 2.57
CA PHE A 129 2.11 14.28 1.53
C PHE A 129 1.40 15.03 0.43
N ASP A 130 1.97 16.17 0.06
CA ASP A 130 1.47 17.05 -0.99
C ASP A 130 1.99 16.59 -2.34
N GLU A 131 1.83 17.46 -3.33
CA GLU A 131 2.26 17.17 -4.68
C GLU A 131 3.76 17.36 -4.88
N THR A 132 4.41 18.05 -3.94
CA THR A 132 5.84 18.26 -4.07
C THR A 132 6.65 17.14 -3.43
N ALA A 133 6.02 16.29 -2.61
CA ALA A 133 6.76 15.22 -1.97
C ALA A 133 7.29 14.21 -2.97
N SER A 134 8.58 13.93 -2.94
CA SER A 134 9.17 12.97 -3.86
C SER A 134 8.97 11.56 -3.29
N ASN A 135 9.25 10.52 -4.09
CA ASN A 135 9.07 9.15 -3.61
C ASN A 135 9.89 8.88 -2.34
N GLU A 136 11.19 9.19 -2.39
CA GLU A 136 12.09 9.01 -1.25
C GLU A 136 11.42 9.54 0.04
N VAL A 137 10.97 10.79 -0.02
CA VAL A 137 10.32 11.40 1.13
C VAL A 137 9.17 10.53 1.63
N VAL A 138 8.29 10.15 0.70
CA VAL A 138 7.14 9.31 1.05
C VAL A 138 7.68 8.00 1.62
N TYR A 139 8.67 7.44 0.95
CA TYR A 139 9.26 6.19 1.38
C TYR A 139 9.81 6.25 2.80
N ARG A 140 10.38 7.39 3.17
CA ARG A 140 11.00 7.55 4.50
C ARG A 140 10.07 7.42 5.70
N PHE A 141 8.87 7.97 5.59
CA PHE A 141 7.89 7.92 6.67
C PHE A 141 6.88 6.78 6.53
N THR A 142 7.09 5.89 5.57
CA THR A 142 6.15 4.81 5.39
C THR A 142 6.82 3.45 5.40
N ALA A 143 7.42 3.08 4.28
CA ALA A 143 8.06 1.78 4.16
C ALA A 143 9.31 1.62 5.02
N ARG A 144 10.16 2.64 5.05
CA ARG A 144 11.41 2.61 5.84
C ARG A 144 11.25 2.08 7.27
N PRO A 145 10.44 2.75 8.10
CA PRO A 145 10.24 2.32 9.50
C PRO A 145 9.75 0.90 9.68
N LEU A 146 9.53 0.17 8.59
CA LEU A 146 9.05 -1.22 8.71
C LEU A 146 10.15 -2.24 8.43
N VAL A 147 11.19 -1.82 7.72
CA VAL A 147 12.29 -2.71 7.37
C VAL A 147 12.81 -3.37 8.62
N GLN A 148 13.20 -2.55 9.59
CA GLN A 148 13.68 -3.06 10.86
C GLN A 148 12.83 -4.20 11.39
N THR A 149 11.51 -4.08 11.21
CA THR A 149 10.56 -5.08 11.69
C THR A 149 10.77 -6.47 11.10
N ILE A 150 11.31 -6.58 9.89
CA ILE A 150 11.54 -7.91 9.35
C ILE A 150 12.81 -8.46 9.98
N PHE A 151 13.74 -7.56 10.33
CA PHE A 151 15.00 -7.98 10.96
C PHE A 151 14.78 -8.40 12.41
N GLU A 152 13.83 -7.77 13.06
CA GLU A 152 13.52 -8.12 14.44
C GLU A 152 12.74 -9.43 14.38
N GLY A 153 12.63 -9.97 13.16
CA GLY A 153 11.91 -11.21 12.97
C GLY A 153 10.41 -11.03 12.80
N GLY A 154 10.00 -9.87 12.31
CA GLY A 154 8.58 -9.64 12.14
C GLY A 154 8.14 -9.71 10.70
N LYS A 155 6.86 -9.42 10.46
CA LYS A 155 6.29 -9.44 9.12
C LYS A 155 5.64 -8.09 8.84
N ALA A 156 6.04 -7.46 7.75
CA ALA A 156 5.51 -6.16 7.40
C ALA A 156 4.81 -6.18 6.03
N THR A 157 3.95 -5.18 5.80
CA THR A 157 3.23 -5.07 4.55
C THR A 157 2.85 -3.63 4.28
N CYS A 158 3.27 -3.13 3.14
CA CYS A 158 2.94 -1.77 2.75
C CYS A 158 2.02 -1.83 1.54
N PHE A 159 0.90 -1.12 1.63
CA PHE A 159 -0.12 -1.11 0.59
C PHE A 159 -0.31 0.21 -0.16
N ALA A 160 -0.35 0.12 -1.48
CA ALA A 160 -0.59 1.30 -2.33
C ALA A 160 -2.07 1.18 -2.64
N TYR A 161 -2.86 2.18 -2.26
CA TYR A 161 -4.31 2.15 -2.50
C TYR A 161 -4.87 3.46 -3.03
N GLY A 162 -5.78 3.37 -4.00
CA GLY A 162 -6.34 4.59 -4.55
C GLY A 162 -6.89 4.34 -5.93
N GLN A 163 -7.60 5.34 -6.45
CA GLN A 163 -8.20 5.23 -7.78
C GLN A 163 -7.13 4.93 -8.82
N THR A 164 -7.59 4.67 -10.03
CA THR A 164 -6.68 4.37 -11.12
C THR A 164 -6.10 5.69 -11.59
N GLY A 165 -4.78 5.68 -11.79
CA GLY A 165 -4.04 6.84 -12.26
C GLY A 165 -3.68 7.82 -11.15
N SER A 166 -3.86 7.40 -9.91
CA SER A 166 -3.56 8.24 -8.76
C SER A 166 -2.07 8.26 -8.41
N GLY A 167 -1.39 7.14 -8.63
CA GLY A 167 0.03 7.08 -8.32
C GLY A 167 0.56 5.76 -7.77
N LYS A 168 -0.31 4.93 -7.21
CA LYS A 168 0.12 3.65 -6.65
C LYS A 168 1.37 2.99 -7.27
N THR A 169 1.34 2.72 -8.57
CA THR A 169 2.46 2.07 -9.24
C THR A 169 3.67 3.00 -9.31
N HIS A 170 3.45 4.26 -9.62
CA HIS A 170 4.56 5.19 -9.69
C HIS A 170 5.27 5.30 -8.32
N THR A 171 4.57 4.96 -7.25
CA THR A 171 5.16 5.03 -5.92
C THR A 171 5.91 3.74 -5.58
N MET A 172 5.30 2.61 -5.90
CA MET A 172 5.86 1.30 -5.61
C MET A 172 6.96 0.87 -6.57
N GLY A 173 6.63 0.84 -7.85
CA GLY A 173 7.61 0.42 -8.85
C GLY A 173 8.65 1.46 -9.25
N GLY A 174 8.30 2.73 -9.15
CA GLY A 174 9.25 3.75 -9.55
C GLY A 174 8.68 4.55 -10.70
N ASP A 175 8.98 5.85 -10.70
CA ASP A 175 8.50 6.75 -11.74
C ASP A 175 8.74 6.18 -13.14
N GLN A 181 11.72 4.37 -18.49
CA GLN A 181 11.58 3.34 -17.47
C GLN A 181 11.39 3.86 -16.04
N ASN A 182 11.27 2.93 -15.09
CA ASN A 182 10.76 3.32 -13.73
C ASN A 182 11.62 2.89 -12.46
N ALA A 183 11.63 1.59 -12.16
CA ALA A 183 12.26 1.06 -10.95
C ALA A 183 13.48 1.82 -10.45
N SER A 184 13.88 1.47 -9.21
CA SER A 184 15.02 2.06 -8.51
C SER A 184 14.65 3.31 -7.72
N LYS A 185 13.61 4.00 -8.17
CA LYS A 185 13.14 5.19 -7.48
C LYS A 185 11.92 4.83 -6.65
N GLY A 186 11.30 3.70 -7.01
CA GLY A 186 10.11 3.26 -6.30
C GLY A 186 10.43 2.55 -5.01
N ILE A 187 9.46 2.50 -4.13
CA ILE A 187 9.58 1.87 -2.81
C ILE A 187 10.12 0.44 -2.77
N TYR A 188 9.94 -0.36 -3.83
CA TYR A 188 10.48 -1.72 -3.80
C TYR A 188 11.98 -1.54 -3.66
N ALA A 189 12.57 -0.83 -4.63
CA ALA A 189 13.99 -0.56 -4.65
C ALA A 189 14.47 -0.01 -3.30
N MET A 190 14.07 1.23 -3.03
CA MET A 190 14.44 1.92 -1.80
C MET A 190 14.41 0.98 -0.60
N ALA A 191 13.30 0.28 -0.41
CA ALA A 191 13.15 -0.65 0.70
C ALA A 191 14.24 -1.73 0.63
N SER A 192 14.54 -2.19 -0.59
CA SER A 192 15.57 -3.19 -0.79
C SER A 192 16.89 -2.61 -0.32
N ARG A 193 17.25 -1.49 -0.92
CA ARG A 193 18.47 -0.77 -0.59
C ARG A 193 18.74 -0.78 0.93
N ASP A 194 17.73 -0.43 1.71
CA ASP A 194 17.89 -0.36 3.16
C ASP A 194 17.87 -1.73 3.84
N VAL A 195 17.48 -2.76 3.12
CA VAL A 195 17.47 -4.09 3.73
C VAL A 195 18.90 -4.56 3.77
N PHE A 196 19.65 -4.25 2.71
CA PHE A 196 21.04 -4.64 2.67
C PHE A 196 21.85 -3.82 3.66
N LEU A 197 21.69 -2.51 3.60
CA LEU A 197 22.40 -1.63 4.53
C LEU A 197 22.15 -2.03 5.97
N LEU A 198 21.03 -2.69 6.22
CA LEU A 198 20.70 -3.11 7.56
C LEU A 198 21.21 -4.50 7.87
N LYS A 199 21.51 -5.26 6.82
CA LYS A 199 21.98 -6.63 7.00
C LYS A 199 23.46 -6.64 7.34
N ASN A 200 24.25 -5.87 6.59
CA ASN A 200 25.68 -5.82 6.86
C ASN A 200 25.93 -4.97 8.09
N GLN A 201 24.90 -4.81 8.91
CA GLN A 201 25.03 -4.03 10.13
C GLN A 201 25.52 -4.89 11.30
N PRO A 202 26.37 -4.31 12.15
CA PRO A 202 26.95 -4.97 13.32
C PRO A 202 25.93 -5.86 14.00
N ARG A 203 24.85 -5.24 14.45
CA ARG A 203 23.77 -5.93 15.14
C ARG A 203 23.12 -7.05 14.33
N TYR A 204 23.05 -6.88 13.02
CA TYR A 204 22.45 -7.88 12.17
C TYR A 204 23.46 -8.71 11.42
N ARG A 205 24.73 -8.58 11.77
CA ARG A 205 25.72 -9.36 11.06
C ARG A 205 25.85 -10.78 11.63
N ASN A 206 25.70 -10.92 12.95
CA ASN A 206 25.79 -12.23 13.59
C ASN A 206 24.51 -13.02 13.39
N LEU A 207 23.72 -12.60 12.42
CA LEU A 207 22.46 -13.28 12.11
C LEU A 207 22.67 -14.26 10.97
N ASN A 208 23.60 -13.93 10.08
CA ASN A 208 23.89 -14.78 8.93
C ASN A 208 22.64 -15.00 8.10
N LEU A 209 22.01 -13.91 7.64
CA LEU A 209 20.81 -14.06 6.84
C LEU A 209 21.09 -13.91 5.37
N GLU A 210 20.20 -14.46 4.56
CA GLU A 210 20.32 -14.38 3.12
C GLU A 210 19.05 -13.67 2.68
N VAL A 211 19.17 -12.81 1.67
CA VAL A 211 18.02 -12.05 1.18
C VAL A 211 17.38 -12.61 -0.08
N TYR A 212 16.08 -12.85 0.00
CA TYR A 212 15.30 -13.39 -1.12
C TYR A 212 14.15 -12.49 -1.52
N VAL A 213 13.82 -12.53 -2.80
CA VAL A 213 12.78 -11.70 -3.35
C VAL A 213 11.81 -12.49 -4.24
N THR A 214 10.51 -12.14 -4.17
CA THR A 214 9.47 -12.80 -4.98
C THR A 214 8.59 -11.72 -5.61
N PHE A 215 8.10 -11.97 -6.82
CA PHE A 215 7.25 -10.98 -7.48
C PHE A 215 6.08 -11.71 -8.14
N PHE A 216 4.86 -11.39 -7.70
CA PHE A 216 3.69 -12.05 -8.24
C PHE A 216 2.50 -11.11 -8.32
N GLU A 217 1.55 -11.48 -9.16
CA GLU A 217 0.35 -10.69 -9.39
C GLU A 217 -0.93 -11.52 -9.19
N ILE A 218 -1.94 -10.94 -8.55
CA ILE A 218 -3.19 -11.66 -8.35
C ILE A 218 -4.24 -11.04 -9.27
N TYR A 219 -4.96 -11.87 -10.03
CA TYR A 219 -5.95 -11.36 -10.98
C TYR A 219 -7.10 -12.34 -11.12
N ASN A 220 -8.22 -12.07 -10.47
CA ASN A 220 -9.31 -13.01 -10.58
C ASN A 220 -8.75 -14.33 -10.09
N GLY A 221 -9.07 -14.72 -8.86
CA GLY A 221 -8.57 -15.99 -8.37
C GLY A 221 -7.09 -16.26 -8.62
N LYS A 222 -6.54 -17.17 -7.83
CA LYS A 222 -5.14 -17.59 -7.90
C LYS A 222 -4.03 -16.60 -8.27
N VAL A 223 -2.79 -17.09 -8.19
CA VAL A 223 -1.59 -16.30 -8.42
C VAL A 223 -0.77 -16.54 -9.69
N PHE A 224 -0.08 -15.49 -10.15
CA PHE A 224 0.77 -15.58 -11.35
C PHE A 224 2.18 -15.02 -11.10
N ASP A 225 3.17 -15.90 -11.01
CA ASP A 225 4.53 -15.44 -10.78
C ASP A 225 5.10 -14.57 -11.92
N LEU A 226 5.42 -13.31 -11.61
CA LEU A 226 5.97 -12.35 -12.58
C LEU A 226 7.47 -12.55 -12.80
N LEU A 227 8.05 -13.48 -12.07
CA LEU A 227 9.48 -13.77 -12.17
C LEU A 227 9.70 -15.13 -12.81
N ASN A 228 8.60 -15.80 -13.13
CA ASN A 228 8.65 -17.12 -13.74
C ASN A 228 7.72 -17.17 -14.96
N LYS A 229 7.69 -16.06 -15.69
CA LYS A 229 6.87 -15.92 -16.88
C LYS A 229 5.36 -16.16 -16.67
N LYS A 230 4.75 -15.30 -15.88
CA LYS A 230 3.32 -15.38 -15.61
C LYS A 230 2.80 -16.77 -15.35
N ALA A 231 3.68 -17.72 -15.05
CA ALA A 231 3.25 -19.08 -14.79
C ALA A 231 2.20 -19.13 -13.65
N LYS A 232 0.96 -19.45 -13.98
CA LYS A 232 -0.10 -19.51 -12.96
C LYS A 232 0.28 -20.44 -11.81
N LEU A 233 -0.05 -20.05 -10.59
CA LEU A 233 0.30 -20.83 -9.42
C LEU A 233 -0.89 -21.28 -8.58
N ARG A 234 -0.75 -22.40 -7.87
CA ARG A 234 -1.82 -22.94 -7.03
C ARG A 234 -1.70 -22.56 -5.56
N VAL A 235 -2.83 -22.17 -4.96
CA VAL A 235 -2.86 -21.79 -3.56
C VAL A 235 -3.58 -22.83 -2.71
N LEU A 236 -2.89 -23.34 -1.70
CA LEU A 236 -3.46 -24.35 -0.81
C LEU A 236 -3.57 -23.88 0.63
N GLU A 237 -4.49 -24.47 1.38
CA GLU A 237 -4.68 -24.13 2.79
C GLU A 237 -4.80 -25.43 3.55
N ASP A 238 -3.81 -25.78 4.34
CA ASP A 238 -3.91 -27.05 5.02
C ASP A 238 -4.95 -26.96 6.15
N SER A 239 -4.97 -27.87 7.10
CA SER A 239 -6.11 -27.95 8.01
C SER A 239 -6.02 -27.16 9.29
N ARG A 240 -4.88 -26.51 9.41
CA ARG A 240 -4.71 -25.42 10.34
C ARG A 240 -4.64 -24.13 9.56
N GLN A 241 -4.63 -23.01 10.26
CA GLN A 241 -4.76 -21.60 9.71
C GLN A 241 -3.88 -21.19 8.45
N GLN A 242 -2.84 -21.92 8.07
CA GLN A 242 -1.77 -21.33 7.18
C GLN A 242 -1.84 -21.60 5.62
N VAL A 243 -1.70 -20.59 4.80
CA VAL A 243 -1.77 -20.79 3.36
C VAL A 243 -0.38 -20.91 2.71
N GLN A 244 -0.31 -21.51 1.54
CA GLN A 244 0.94 -21.64 0.81
C GLN A 244 0.77 -21.56 -0.70
N VAL A 245 1.55 -20.70 -1.35
CA VAL A 245 1.49 -20.53 -2.79
C VAL A 245 2.49 -21.46 -3.45
N VAL A 246 2.08 -22.69 -3.76
CA VAL A 246 2.97 -23.65 -4.39
C VAL A 246 3.56 -23.19 -5.72
N GLY A 247 4.86 -23.36 -5.87
CA GLY A 247 5.52 -22.98 -7.11
C GLY A 247 6.03 -21.54 -7.20
N LEU A 248 5.82 -20.74 -6.15
CA LEU A 248 6.31 -19.36 -6.19
C LEU A 248 7.83 -19.40 -6.22
N GLN A 249 8.43 -18.66 -7.16
CA GLN A 249 9.90 -18.63 -7.30
C GLN A 249 10.61 -17.58 -6.46
N GLU A 250 11.45 -18.04 -5.53
CA GLU A 250 12.24 -17.15 -4.67
C GLU A 250 13.62 -16.94 -5.30
N TYR A 251 14.00 -15.69 -5.54
CA TYR A 251 15.31 -15.39 -6.10
C TYR A 251 16.24 -14.76 -5.08
N LEU A 252 17.42 -15.36 -4.90
CA LEU A 252 18.42 -14.88 -3.96
C LEU A 252 19.02 -13.58 -4.48
N VAL A 253 19.06 -12.55 -3.64
CA VAL A 253 19.65 -11.27 -4.07
C VAL A 253 20.74 -10.88 -3.09
N THR A 254 21.86 -10.39 -3.63
CA THR A 254 22.99 -10.00 -2.81
C THR A 254 23.38 -8.56 -3.06
N CYS A 255 22.62 -7.88 -3.91
CA CYS A 255 22.89 -6.49 -4.24
C CYS A 255 21.62 -5.76 -4.66
N ALA A 256 21.57 -4.46 -4.36
CA ALA A 256 20.41 -3.66 -4.73
C ALA A 256 20.23 -3.70 -6.25
N ASP A 257 21.34 -3.81 -6.96
CA ASP A 257 21.28 -3.88 -8.41
C ASP A 257 20.62 -5.19 -8.80
N ASP A 258 20.70 -6.18 -7.93
CA ASP A 258 20.05 -7.45 -8.21
C ASP A 258 18.54 -7.22 -8.17
N VAL A 259 18.05 -6.84 -7.00
CA VAL A 259 16.62 -6.59 -6.80
C VAL A 259 16.02 -5.64 -7.83
N ILE A 260 16.82 -4.73 -8.36
CA ILE A 260 16.32 -3.81 -9.36
C ILE A 260 16.18 -4.55 -10.70
N LYS A 261 16.96 -5.61 -10.89
CA LYS A 261 16.83 -6.37 -12.12
C LYS A 261 15.50 -7.10 -12.03
N MET A 262 15.33 -7.87 -10.96
CA MET A 262 14.09 -8.61 -10.79
C MET A 262 12.87 -7.70 -10.96
N ILE A 263 12.91 -6.50 -10.39
CA ILE A 263 11.80 -5.55 -10.49
C ILE A 263 11.45 -5.18 -11.93
N ASN A 264 12.46 -4.90 -12.74
CA ASN A 264 12.19 -4.56 -14.13
C ASN A 264 11.57 -5.77 -14.83
N MET A 265 12.18 -6.94 -14.68
CA MET A 265 11.69 -8.16 -15.30
C MET A 265 10.20 -8.34 -15.03
N GLY A 266 9.85 -8.34 -13.75
CA GLY A 266 8.46 -8.53 -13.37
C GLY A 266 7.56 -7.46 -13.95
N SER A 267 7.88 -6.20 -13.70
CA SER A 267 7.06 -5.12 -14.21
C SER A 267 6.93 -5.22 -15.73
N ALA A 268 7.93 -5.83 -16.37
CA ALA A 268 7.92 -5.98 -17.83
C ALA A 268 6.85 -6.97 -18.28
N CYS A 269 6.68 -8.03 -17.49
CA CYS A 269 5.70 -9.06 -17.80
C CYS A 269 4.33 -8.73 -17.20
N ARG A 270 4.18 -7.51 -16.70
CA ARG A 270 2.93 -7.06 -16.10
C ARG A 270 2.28 -5.94 -16.92
N THR A 271 3.07 -5.26 -17.72
CA THR A 271 2.54 -4.14 -18.50
C THR A 271 2.69 -4.37 -20.01
N SER A 272 3.08 -5.58 -20.40
CA SER A 272 3.21 -5.84 -21.81
C SER A 272 2.37 -7.00 -22.29
N GLY A 273 1.46 -6.69 -23.22
CA GLY A 273 0.58 -7.70 -23.77
C GLY A 273 -0.69 -7.07 -24.31
N ASN A 278 -6.34 -1.97 -23.46
CA ASN A 278 -5.54 -2.47 -22.36
C ASN A 278 -6.02 -1.86 -21.05
N SER A 279 -5.13 -1.87 -20.06
CA SER A 279 -5.34 -1.34 -18.72
C SER A 279 -5.53 -2.48 -17.71
N ASN A 280 -5.06 -3.68 -18.05
CA ASN A 280 -5.21 -4.80 -17.13
C ASN A 280 -4.44 -4.58 -15.84
N SER A 281 -3.16 -4.25 -15.95
CA SER A 281 -2.34 -3.99 -14.79
C SER A 281 -3.18 -3.24 -13.76
N SER A 282 -3.98 -2.29 -14.24
CA SER A 282 -4.84 -1.50 -13.38
C SER A 282 -6.05 -2.27 -12.86
N ARG A 283 -6.03 -3.59 -13.01
CA ARG A 283 -7.15 -4.41 -12.57
C ARG A 283 -6.64 -5.61 -11.81
N SER A 284 -5.34 -5.63 -11.55
CA SER A 284 -4.72 -6.73 -10.82
C SER A 284 -3.97 -6.22 -9.59
N HIS A 285 -3.72 -7.11 -8.65
CA HIS A 285 -2.99 -6.77 -7.44
C HIS A 285 -1.54 -7.20 -7.70
N ALA A 286 -0.59 -6.30 -7.48
CA ALA A 286 0.83 -6.63 -7.67
C ALA A 286 1.43 -6.78 -6.29
N CYS A 287 2.26 -7.79 -6.10
CA CYS A 287 2.82 -7.97 -4.78
C CYS A 287 4.26 -8.39 -4.74
N PHE A 288 5.14 -7.45 -4.37
CA PHE A 288 6.55 -7.76 -4.28
C PHE A 288 6.99 -8.11 -2.85
N GLN A 289 7.70 -9.22 -2.73
CA GLN A 289 8.16 -9.67 -1.41
C GLN A 289 9.66 -9.71 -1.16
N ILE A 290 10.05 -9.23 0.02
CA ILE A 290 11.46 -9.28 0.44
C ILE A 290 11.46 -10.25 1.61
N LEU A 291 12.19 -11.34 1.48
CA LEU A 291 12.26 -12.35 2.54
C LEU A 291 13.66 -12.54 3.08
N LEU A 292 13.76 -12.74 4.39
CA LEU A 292 15.02 -12.98 5.09
C LEU A 292 15.08 -14.38 5.69
N ARG A 293 16.01 -15.19 5.16
CA ARG A 293 16.15 -16.55 5.66
C ARG A 293 17.51 -16.77 6.33
N THR A 294 17.50 -17.24 7.57
CA THR A 294 18.72 -17.92 8.00
C THR A 294 18.51 -19.43 8.08
N LYS A 295 18.20 -20.00 6.90
CA LYS A 295 18.39 -21.44 6.73
C LYS A 295 17.73 -22.25 7.85
N GLY A 296 16.84 -23.19 7.50
CA GLY A 296 15.73 -23.22 8.45
C GLY A 296 14.49 -22.53 7.89
N ARG A 297 13.74 -21.89 8.79
CA ARG A 297 12.53 -21.20 8.37
C ARG A 297 12.84 -19.78 7.87
N LEU A 298 11.76 -19.01 7.71
CA LEU A 298 11.81 -17.60 7.33
C LEU A 298 11.99 -16.70 8.56
N HIS A 299 13.01 -15.82 8.46
CA HIS A 299 13.28 -14.91 9.57
C HIS A 299 12.29 -13.75 9.59
N GLY A 300 12.30 -12.99 8.51
CA GLY A 300 11.39 -11.86 8.37
C GLY A 300 10.86 -11.78 6.95
N LYS A 301 9.74 -11.09 6.78
CA LYS A 301 9.14 -10.97 5.47
C LYS A 301 8.49 -9.60 5.27
N PHE A 302 8.77 -8.96 4.15
CA PHE A 302 8.18 -7.66 3.86
C PHE A 302 7.37 -7.73 2.56
N SER A 303 6.07 -7.49 2.66
CA SER A 303 5.21 -7.54 1.49
C SER A 303 4.80 -6.17 0.99
N LEU A 304 5.32 -5.81 -0.17
CA LEU A 304 4.97 -4.53 -0.77
C LEU A 304 3.89 -4.83 -1.80
N VAL A 305 2.72 -4.23 -1.63
CA VAL A 305 1.60 -4.51 -2.54
C VAL A 305 1.10 -3.32 -3.35
N ASP A 306 1.12 -3.46 -4.67
CA ASP A 306 0.63 -2.40 -5.56
C ASP A 306 -0.80 -2.75 -5.98
N LEU A 307 -1.78 -2.31 -5.18
CA LEU A 307 -3.19 -2.61 -5.43
C LEU A 307 -3.80 -2.14 -6.75
N ALA A 308 -4.91 -2.78 -7.11
CA ALA A 308 -5.63 -2.45 -8.34
C ALA A 308 -6.61 -1.33 -8.06
N GLY A 309 -6.97 -0.58 -9.10
CA GLY A 309 -7.91 0.51 -8.92
C GLY A 309 -9.01 0.14 -7.94
N ASN A 310 -9.35 1.06 -7.05
CA ASN A 310 -10.39 0.84 -6.05
C ASN A 310 -11.73 1.29 -6.59
N GLU A 311 -11.68 2.14 -7.62
CA GLU A 311 -12.89 2.66 -8.24
C GLU A 311 -13.59 1.56 -9.02
N ARG A 312 -13.04 0.35 -9.01
CA ARG A 312 -13.66 -0.72 -9.78
C ARG A 312 -14.44 -1.71 -8.91
N ARG A 321 -22.08 -4.41 -16.24
CA ARG A 321 -21.83 -5.08 -17.52
C ARG A 321 -21.60 -6.59 -17.34
N GLN A 322 -20.96 -7.24 -18.31
CA GLN A 322 -20.75 -8.69 -18.26
C GLN A 322 -19.48 -9.23 -17.58
N THR A 323 -18.33 -8.98 -18.19
CA THR A 323 -17.03 -9.44 -17.68
C THR A 323 -16.47 -8.38 -16.74
N ARG A 324 -16.95 -7.16 -16.90
CA ARG A 324 -16.52 -6.05 -16.05
C ARG A 324 -16.99 -6.33 -14.63
N MET A 325 -17.95 -7.24 -14.50
CA MET A 325 -18.50 -7.63 -13.20
C MET A 325 -17.36 -8.17 -12.34
N GLU A 326 -16.20 -8.37 -12.95
CA GLU A 326 -15.02 -8.87 -12.26
C GLU A 326 -14.57 -7.90 -11.18
N GLY A 327 -15.00 -6.64 -11.31
CA GLY A 327 -14.65 -5.63 -10.33
C GLY A 327 -15.16 -6.04 -8.97
N ALA A 328 -16.03 -7.04 -8.95
CA ALA A 328 -16.60 -7.53 -7.70
C ALA A 328 -15.53 -8.30 -6.93
N GLU A 329 -14.57 -8.86 -7.66
CA GLU A 329 -13.49 -9.60 -7.01
C GLU A 329 -12.52 -8.60 -6.38
N ILE A 330 -12.36 -7.45 -7.04
CA ILE A 330 -11.48 -6.41 -6.54
C ILE A 330 -12.08 -5.81 -5.28
N ASN A 331 -13.40 -5.63 -5.30
CA ASN A 331 -14.10 -5.06 -4.16
C ASN A 331 -14.23 -5.99 -2.96
N LYS A 332 -14.20 -7.30 -3.19
CA LYS A 332 -14.30 -8.22 -2.08
C LYS A 332 -12.94 -8.23 -1.39
N SER A 333 -11.88 -8.24 -2.20
CA SER A 333 -10.52 -8.24 -1.70
C SER A 333 -10.29 -7.02 -0.82
N LEU A 334 -10.58 -5.83 -1.36
CA LEU A 334 -10.44 -4.57 -0.64
C LEU A 334 -11.24 -4.57 0.66
N LEU A 335 -12.43 -5.17 0.63
CA LEU A 335 -13.24 -5.24 1.83
C LEU A 335 -12.60 -6.26 2.76
N ALA A 336 -11.97 -7.28 2.16
CA ALA A 336 -11.30 -8.32 2.93
C ALA A 336 -10.08 -7.71 3.60
N LEU A 337 -9.29 -7.04 2.78
CA LEU A 337 -8.08 -6.38 3.26
C LEU A 337 -8.44 -5.57 4.49
N LYS A 338 -9.30 -4.57 4.31
CA LYS A 338 -9.72 -3.69 5.38
C LYS A 338 -10.01 -4.44 6.67
N GLU A 339 -10.70 -5.57 6.57
CA GLU A 339 -11.01 -6.34 7.77
C GLU A 339 -9.78 -7.06 8.32
N CYS A 340 -8.90 -7.55 7.46
CA CYS A 340 -7.70 -8.20 7.99
C CYS A 340 -6.89 -7.14 8.73
N ILE A 341 -6.59 -6.04 8.04
CA ILE A 341 -5.83 -4.95 8.64
C ILE A 341 -6.42 -4.59 9.99
N ARG A 342 -7.74 -4.42 10.01
CA ARG A 342 -8.47 -4.09 11.23
C ARG A 342 -8.32 -5.19 12.27
N ALA A 343 -8.23 -6.43 11.80
CA ALA A 343 -8.06 -7.55 12.70
C ALA A 343 -6.73 -7.37 13.40
N LEU A 344 -5.75 -6.84 12.66
CA LEU A 344 -4.42 -6.61 13.21
C LEU A 344 -4.50 -5.77 14.49
N GLY A 345 -5.18 -4.63 14.42
CA GLY A 345 -5.31 -3.82 15.62
C GLY A 345 -6.18 -4.47 16.68
N GLN A 346 -6.10 -5.79 16.79
CA GLN A 346 -6.91 -6.52 17.76
C GLN A 346 -6.22 -7.85 18.10
N PHE A 353 -13.44 -12.99 7.30
CA PHE A 353 -14.53 -12.11 6.89
C PHE A 353 -14.68 -12.20 5.37
N ARG A 354 -15.26 -13.31 4.91
CA ARG A 354 -15.47 -13.51 3.48
C ARG A 354 -14.12 -13.44 2.75
N GLU A 355 -13.32 -14.49 2.89
CA GLU A 355 -12.00 -14.57 2.27
C GLU A 355 -11.83 -14.01 0.86
N SER A 356 -10.58 -13.97 0.42
CA SER A 356 -10.22 -13.48 -0.91
C SER A 356 -8.80 -13.96 -1.20
N LYS A 357 -8.45 -14.06 -2.48
CA LYS A 357 -7.11 -14.52 -2.82
C LYS A 357 -6.06 -13.67 -2.11
N LEU A 358 -6.04 -12.38 -2.41
CA LEU A 358 -5.07 -11.48 -1.80
C LEU A 358 -4.88 -11.74 -0.30
N THR A 359 -5.89 -11.42 0.49
CA THR A 359 -5.82 -11.62 1.94
C THR A 359 -5.52 -13.05 2.33
N GLN A 360 -5.63 -13.98 1.39
CA GLN A 360 -5.34 -15.38 1.69
C GLN A 360 -3.84 -15.61 1.60
N VAL A 361 -3.22 -15.00 0.60
CA VAL A 361 -1.79 -15.11 0.40
C VAL A 361 -1.03 -14.36 1.48
N LEU A 362 -1.58 -13.23 1.93
CA LEU A 362 -0.92 -12.44 2.97
C LEU A 362 -1.54 -12.73 4.33
N ARG A 363 -2.17 -13.89 4.49
CA ARG A 363 -2.78 -14.21 5.78
C ARG A 363 -1.76 -14.18 6.91
N ASP A 364 -0.67 -14.94 6.77
CA ASP A 364 0.35 -14.99 7.82
C ASP A 364 0.94 -13.63 8.21
N SER A 365 0.75 -12.61 7.37
CA SER A 365 1.29 -11.29 7.67
C SER A 365 0.29 -10.38 8.36
N PHE A 366 -0.69 -10.95 9.02
CA PHE A 366 -1.71 -10.20 9.75
C PHE A 366 -2.03 -10.91 11.05
N ILE A 367 -1.84 -12.22 11.05
CA ILE A 367 -2.14 -13.04 12.21
C ILE A 367 -1.08 -12.97 13.31
N GLY A 368 0.19 -12.88 12.93
CA GLY A 368 1.25 -12.80 13.93
C GLY A 368 1.11 -11.59 14.85
N GLU A 369 1.69 -11.68 16.04
CA GLU A 369 1.62 -10.54 16.95
C GLU A 369 2.70 -9.52 16.60
N ASN A 370 3.82 -9.99 16.08
CA ASN A 370 4.89 -9.10 15.68
C ASN A 370 4.73 -8.76 14.19
N SER A 371 3.72 -7.96 13.87
CA SER A 371 3.48 -7.59 12.49
C SER A 371 2.91 -6.18 12.33
N ARG A 372 3.54 -5.40 11.46
CA ARG A 372 3.08 -4.04 11.24
C ARG A 372 2.70 -3.87 9.77
N THR A 373 2.00 -2.79 9.46
CA THR A 373 1.59 -2.54 8.10
C THR A 373 1.31 -1.05 7.92
N CYS A 374 1.63 -0.55 6.74
CA CYS A 374 1.42 0.86 6.43
C CYS A 374 0.64 0.94 5.13
N MET A 375 -0.46 1.68 5.17
CA MET A 375 -1.32 1.89 4.00
C MET A 375 -1.02 3.28 3.44
N ILE A 376 -0.82 3.39 2.13
CA ILE A 376 -0.55 4.72 1.54
C ILE A 376 -1.65 5.05 0.54
N ALA A 377 -2.60 5.87 0.93
CA ALA A 377 -3.72 6.22 0.05
C ALA A 377 -3.42 7.27 -1.02
N MET A 378 -3.23 6.84 -2.28
CA MET A 378 -2.95 7.77 -3.39
C MET A 378 -4.19 8.60 -3.75
N ILE A 379 -3.97 9.83 -4.21
CA ILE A 379 -5.07 10.75 -4.56
C ILE A 379 -4.90 11.74 -5.75
N SER A 380 -5.67 11.55 -6.81
CA SER A 380 -5.62 12.45 -7.96
C SER A 380 -6.37 13.68 -7.50
N PRO A 381 -5.72 14.83 -7.55
CA PRO A 381 -6.26 16.13 -7.14
C PRO A 381 -7.31 16.77 -8.02
N GLY A 382 -7.48 16.26 -9.23
CA GLY A 382 -8.48 16.85 -10.13
C GLY A 382 -9.91 16.86 -9.58
N ILE A 383 -10.62 17.94 -9.91
CA ILE A 383 -12.01 18.08 -9.47
C ILE A 383 -12.79 16.93 -10.05
N SER A 384 -12.45 16.55 -11.27
CA SER A 384 -13.14 15.46 -11.96
C SER A 384 -13.08 14.12 -11.26
N SER A 385 -12.18 13.99 -10.28
CA SER A 385 -12.04 12.73 -9.55
C SER A 385 -12.52 12.84 -8.11
N CYS A 386 -12.97 14.03 -7.75
CA CYS A 386 -13.46 14.32 -6.40
C CYS A 386 -14.20 13.16 -5.75
N GLU A 387 -15.17 12.58 -6.46
CA GLU A 387 -15.96 11.47 -5.90
C GLU A 387 -15.16 10.20 -5.69
N TYR A 388 -14.11 10.00 -6.48
CA TYR A 388 -13.26 8.84 -6.30
C TYR A 388 -12.35 9.16 -5.13
N THR A 389 -11.92 10.42 -5.06
CA THR A 389 -11.07 10.83 -3.95
C THR A 389 -11.82 10.48 -2.68
N LEU A 390 -12.95 11.16 -2.45
CA LEU A 390 -13.74 10.94 -1.25
C LEU A 390 -13.86 9.46 -0.91
N ASN A 391 -14.09 8.65 -1.93
CA ASN A 391 -14.20 7.20 -1.74
C ASN A 391 -12.95 6.73 -1.03
N THR A 392 -11.79 6.95 -1.68
CA THR A 392 -10.48 6.58 -1.15
C THR A 392 -10.20 7.08 0.25
N LEU A 393 -10.50 8.36 0.50
CA LEU A 393 -10.26 8.91 1.80
C LEU A 393 -11.11 8.14 2.81
N ARG A 394 -12.40 8.09 2.56
CA ARG A 394 -13.33 7.39 3.44
C ARG A 394 -12.81 6.00 3.83
N TYR A 395 -12.35 5.27 2.82
CA TYR A 395 -11.87 3.91 3.06
C TYR A 395 -10.67 3.94 3.99
N ALA A 396 -9.81 4.94 3.77
CA ALA A 396 -8.63 5.10 4.61
C ALA A 396 -9.12 5.39 6.03
N ASP A 397 -10.00 6.37 6.19
CA ASP A 397 -10.52 6.72 7.50
C ASP A 397 -10.91 5.49 8.30
N ARG A 398 -11.63 4.57 7.67
CA ARG A 398 -12.00 3.39 8.42
C ARG A 398 -10.76 2.57 8.73
N VAL A 399 -9.77 2.53 7.84
CA VAL A 399 -8.58 1.72 8.15
C VAL A 399 -7.86 2.31 9.36
N LYS A 400 -7.73 3.62 9.36
CA LYS A 400 -7.05 4.28 10.45
C LYS A 400 -7.69 4.05 11.80
N GLU A 401 -8.93 4.49 11.97
CA GLU A 401 -9.55 4.32 13.29
C GLU A 401 -9.65 2.86 13.73
N LEU A 402 -8.64 2.09 13.33
CA LEU A 402 -8.50 0.69 13.66
C LEU A 402 -7.53 0.69 14.84
N SER A 403 -6.81 1.80 14.96
CA SER A 403 -5.89 2.00 16.06
C SER A 403 -6.70 2.85 17.03
N HIS A 404 -7.50 2.17 17.85
CA HIS A 404 -8.35 2.81 18.84
C HIS A 404 -9.40 1.81 19.31
MG MG B . -1.17 1.10 -11.53
PB ADP C . -2.02 4.14 -10.57
O1B ADP C . -3.16 3.80 -11.40
O2B ADP C . -2.26 4.90 -9.29
O3B ADP C . -1.15 2.85 -10.42
PA ADP C . 0.35 4.89 -11.98
O1A ADP C . 1.20 5.14 -10.70
O2A ADP C . 0.41 5.37 -13.26
O3A ADP C . -1.30 4.83 -11.63
O5' ADP C . 0.29 6.63 -11.76
C5' ADP C . -0.42 7.62 -12.68
C4' ADP C . 0.50 8.41 -13.62
O4' ADP C . 0.99 9.58 -12.96
C3' ADP C . 1.84 7.85 -14.18
O3' ADP C . 2.00 8.38 -15.53
C2' ADP C . 3.03 8.46 -13.31
O2' ADP C . 4.26 8.65 -14.05
C1' ADP C . 2.44 9.82 -12.81
N9 ADP C . 2.75 10.10 -11.36
C8 ADP C . 2.06 9.68 -10.31
N7 ADP C . 2.55 10.09 -9.20
C5 ADP C . 3.61 10.90 -9.58
C6 ADP C . 4.60 11.72 -8.81
N6 ADP C . 4.53 11.91 -7.46
N1 ADP C . 5.55 12.39 -9.54
C2 ADP C . 5.60 12.24 -10.86
N3 ADP C . 4.76 11.49 -11.62
C4 ADP C . 3.78 10.87 -10.91
#